data_5L6G
#
_entry.id   5L6G
#
_cell.length_a   123.300
_cell.length_b   59.353
_cell.length_c   68.456
_cell.angle_alpha   90.00
_cell.angle_beta   90.99
_cell.angle_gamma   90.00
#
_symmetry.space_group_name_H-M   'C 1 2 1'
#
loop_
_entity.id
_entity.type
_entity.pdbx_description
1 polymer 'FAD linked oxidase-like protein'
2 branched 2-acetamido-2-deoxy-beta-D-glucopyranose-(1-4)-2-acetamido-2-deoxy-beta-D-glucopyranose
3 non-polymer 'FLAVIN-ADENINE DINUCLEOTIDE'
4 non-polymer 2-acetamido-2-deoxy-beta-D-glucopyranose
5 non-polymer beta-D-xylopyranose
6 non-polymer alpha-D-xylopyranose
7 water water
#
_entity_poly.entity_id   1
_entity_poly.type   'polypeptide(L)'
_entity_poly.pdbx_seq_one_letter_code
;MHLLPLTVSATAVVSAASSPHAKRAAIDECLKNAKVPVTARNSTEWKTDASPFNDRLPYTPAAIAKPATVEHIQAAVLCA
AEVGVKANPKSGGHSYASFGLGGEDGHLVVELDRMYNVTLDPETHIATVQPGARLGHIATVLYEEGKRAFSHGTCPGVGV
GGHSLHGGFGFSSHSHGLAVDWITSADVVLANGSLVTASETENPDLFWALRGAGSNFGIVASFRFKTFAAPPNVTSYEIN
LPWTNSSNVVKGWGALQEWLLNGGMPEEMNMRVLGNAFQTQLQGLYHGNASALKTAIQPLLALLDANLSSVQEHDWMEGF
RHYAYSGEIDITDPGYDQSETFYSKSLVTSALPPDVLERVAEYWIETANKVRRSWYIIIDMYGGPNSAVTRVPPGAGSYA
FRDPERHLFLYELYDRSFGPYPDDGFAFLDGWVHAFTGGLDSSDWGMYINYADPGLDRAEAQEVYYRQNLDRLRRIKQQL
DPTELFYYPQAVEPAEV
;
_entity_poly.pdbx_strand_id   A
#
# COMPACT_ATOMS: atom_id res chain seq x y z
N ALA A 25 -25.27 17.02 15.39
CA ALA A 25 -24.38 18.20 15.25
C ALA A 25 -24.54 18.85 13.88
N ALA A 26 -23.84 19.96 13.65
CA ALA A 26 -23.97 20.69 12.38
C ALA A 26 -23.61 19.82 11.16
N ILE A 27 -22.61 18.96 11.28
CA ILE A 27 -22.22 18.12 10.13
C ILE A 27 -23.35 17.16 9.78
N ASP A 28 -24.07 16.69 10.79
CA ASP A 28 -25.15 15.72 10.58
C ASP A 28 -26.32 16.37 9.87
N GLU A 29 -26.67 17.56 10.35
CA GLU A 29 -27.73 18.33 9.74
C GLU A 29 -27.37 18.74 8.31
N CYS A 30 -26.11 19.09 8.07
CA CYS A 30 -25.69 19.47 6.71
C CYS A 30 -25.90 18.29 5.75
N LEU A 31 -25.43 17.13 6.17
CA LEU A 31 -25.53 15.94 5.33
C LEU A 31 -26.97 15.54 5.07
N LYS A 32 -27.82 15.70 6.08
CA LYS A 32 -29.22 15.36 5.95
C LYS A 32 -29.87 16.29 4.92
N ASN A 33 -29.68 17.60 5.08
CA ASN A 33 -30.28 18.56 4.14
CA ASN A 33 -30.27 18.58 4.17
C ASN A 33 -29.73 18.35 2.75
N ALA A 34 -28.46 17.94 2.66
CA ALA A 34 -27.83 17.67 1.36
C ALA A 34 -28.19 16.31 0.75
N LYS A 35 -29.03 15.54 1.44
CA LYS A 35 -29.50 14.23 0.95
C LYS A 35 -28.35 13.24 0.77
N VAL A 36 -27.34 13.35 1.63
CA VAL A 36 -26.22 12.42 1.62
C VAL A 36 -26.58 11.26 2.58
N PRO A 37 -26.53 10.01 2.08
CA PRO A 37 -26.76 8.89 2.99
C PRO A 37 -25.68 8.86 4.07
N VAL A 38 -26.04 8.45 5.28
CA VAL A 38 -25.09 8.38 6.37
C VAL A 38 -25.29 7.11 7.18
N THR A 39 -24.28 6.78 7.97
CA THR A 39 -24.43 5.78 9.03
C THR A 39 -24.65 6.54 10.34
N ALA A 40 -25.84 6.37 10.91
CA ALA A 40 -26.19 7.06 12.15
C ALA A 40 -25.36 6.57 13.32
N ARG A 41 -25.07 7.46 14.26
CA ARG A 41 -24.29 7.11 15.46
C ARG A 41 -24.93 5.96 16.26
N ASN A 42 -26.25 5.98 16.35
CA ASN A 42 -27.00 5.00 17.14
C ASN A 42 -27.35 3.71 16.37
N SER A 43 -26.92 3.61 15.12
CA SER A 43 -27.18 2.41 14.31
C SER A 43 -26.18 1.30 14.59
N THR A 44 -26.54 0.08 14.18
CA THR A 44 -25.64 -1.08 14.25
C THR A 44 -24.41 -0.91 13.37
N GLU A 45 -24.59 -0.22 12.24
CA GLU A 45 -23.55 -0.17 11.21
C GLU A 45 -22.46 0.83 11.54
N TRP A 46 -22.66 1.66 12.56
CA TRP A 46 -21.65 2.61 13.00
C TRP A 46 -20.39 1.87 13.38
N LYS A 47 -20.55 0.88 14.26
CA LYS A 47 -19.43 0.09 14.75
C LYS A 47 -18.64 -0.47 13.57
N THR A 48 -19.34 -1.06 12.61
CA THR A 48 -18.70 -1.62 11.44
C THR A 48 -17.99 -0.56 10.62
N ASP A 49 -18.73 0.50 10.27
CA ASP A 49 -18.16 1.53 9.41
C ASP A 49 -17.01 2.31 10.06
N ALA A 50 -17.09 2.51 11.37
CA ALA A 50 -16.05 3.21 12.11
C ALA A 50 -14.83 2.36 12.50
N SER A 51 -14.90 1.03 12.36
N SER A 51 -14.91 1.05 12.33
CA SER A 51 -13.89 0.16 12.96
CA SER A 51 -13.87 0.16 12.82
C SER A 51 -12.61 0.08 12.12
C SER A 51 -12.58 0.44 12.07
N PRO A 52 -11.44 0.28 12.76
CA PRO A 52 -10.15 0.33 12.09
C PRO A 52 -9.75 -1.06 11.63
N PHE A 53 -8.79 -1.14 10.72
CA PHE A 53 -8.13 -2.41 10.49
C PHE A 53 -7.21 -2.67 11.68
N ASN A 54 -6.52 -1.63 12.11
CA ASN A 54 -5.62 -1.74 13.25
C ASN A 54 -6.39 -1.41 14.52
N ASP A 55 -6.74 -2.45 15.27
CA ASP A 55 -7.48 -2.29 16.52
C ASP A 55 -6.74 -1.51 17.60
N ARG A 56 -5.45 -1.29 17.39
CA ARG A 56 -4.68 -0.43 18.30
C ARG A 56 -5.12 1.03 18.16
N LEU A 57 -5.73 1.39 17.02
CA LEU A 57 -5.97 2.76 16.64
C LEU A 57 -7.40 3.05 16.19
N PRO A 58 -8.38 2.85 17.10
CA PRO A 58 -9.71 3.25 16.80
C PRO A 58 -9.80 4.76 16.90
N TYR A 59 -10.61 5.36 16.04
CA TYR A 59 -10.98 6.75 16.15
C TYR A 59 -12.47 6.88 15.99
N THR A 60 -13.03 7.88 16.64
CA THR A 60 -14.44 8.16 16.55
C THR A 60 -14.70 9.32 15.58
N PRO A 61 -15.27 9.02 14.40
CA PRO A 61 -15.59 10.07 13.44
C PRO A 61 -16.63 11.04 13.95
N ALA A 62 -16.58 12.26 13.44
CA ALA A 62 -17.68 13.19 13.61
C ALA A 62 -18.97 12.62 13.04
N ALA A 63 -18.84 11.97 11.88
CA ALA A 63 -19.97 11.41 11.17
C ALA A 63 -19.43 10.56 10.04
N ILE A 64 -20.27 9.70 9.51
CA ILE A 64 -19.86 8.80 8.43
C ILE A 64 -20.84 8.93 7.29
N ALA A 65 -20.39 9.54 6.20
CA ALA A 65 -21.17 9.62 4.99
C ALA A 65 -21.00 8.29 4.26
N LYS A 66 -22.09 7.86 3.63
CA LYS A 66 -22.14 6.55 3.00
C LYS A 66 -22.54 6.75 1.52
N PRO A 67 -21.67 7.38 0.73
CA PRO A 67 -22.07 7.74 -0.63
C PRO A 67 -22.34 6.53 -1.52
N ALA A 68 -23.34 6.65 -2.39
CA ALA A 68 -23.57 5.74 -3.52
C ALA A 68 -23.19 6.34 -4.87
N THR A 69 -22.85 7.63 -4.89
N THR A 69 -22.85 7.63 -4.87
CA THR A 69 -22.45 8.25 -6.13
CA THR A 69 -22.65 8.39 -6.08
C THR A 69 -21.54 9.44 -5.87
C THR A 69 -21.59 9.47 -5.87
N VAL A 70 -20.86 9.85 -6.92
CA VAL A 70 -19.96 11.00 -6.86
C VAL A 70 -20.69 12.23 -6.32
N GLU A 71 -21.98 12.40 -6.66
CA GLU A 71 -22.77 13.50 -6.13
C GLU A 71 -22.80 13.51 -4.60
N HIS A 72 -22.98 12.34 -4.01
CA HIS A 72 -22.96 12.22 -2.56
C HIS A 72 -21.58 12.59 -2.02
N ILE A 73 -20.53 12.19 -2.74
CA ILE A 73 -19.17 12.53 -2.32
C ILE A 73 -18.98 14.05 -2.34
N GLN A 74 -19.44 14.68 -3.42
CA GLN A 74 -19.30 16.14 -3.52
C GLN A 74 -20.02 16.83 -2.40
N ALA A 75 -21.25 16.37 -2.16
CA ALA A 75 -22.09 16.98 -1.16
C ALA A 75 -21.49 16.82 0.25
N ALA A 76 -20.95 15.64 0.52
CA ALA A 76 -20.30 15.38 1.81
C ALA A 76 -19.10 16.29 1.99
N VAL A 77 -18.27 16.39 0.96
CA VAL A 77 -17.10 17.25 1.03
C VAL A 77 -17.51 18.70 1.31
N LEU A 78 -18.51 19.19 0.59
CA LEU A 78 -18.95 20.56 0.77
C LEU A 78 -19.46 20.80 2.18
N CYS A 79 -20.12 19.79 2.75
CA CYS A 79 -20.66 19.89 4.09
C CYS A 79 -19.55 20.07 5.11
N ALA A 80 -18.51 19.26 5.00
CA ALA A 80 -17.33 19.39 5.83
C ALA A 80 -16.74 20.77 5.71
N ALA A 81 -16.60 21.25 4.49
CA ALA A 81 -16.06 22.59 4.26
C ALA A 81 -16.93 23.67 4.91
N GLU A 82 -18.24 23.60 4.67
CA GLU A 82 -19.19 24.57 5.18
C GLU A 82 -19.26 24.56 6.71
N VAL A 83 -19.31 23.37 7.29
CA VAL A 83 -19.46 23.18 8.72
C VAL A 83 -18.14 23.44 9.46
N GLY A 84 -17.03 23.06 8.84
CA GLY A 84 -15.71 23.35 9.39
C GLY A 84 -15.18 22.18 10.16
N VAL A 85 -15.25 21.00 9.53
CA VAL A 85 -14.63 19.82 10.06
C VAL A 85 -13.79 19.25 8.92
N LYS A 86 -12.82 18.43 9.28
CA LYS A 86 -11.96 17.79 8.31
C LYS A 86 -12.72 16.60 7.74
N ALA A 87 -12.32 16.14 6.55
CA ALA A 87 -12.97 15.01 5.91
C ALA A 87 -11.93 14.11 5.30
N ASN A 88 -12.13 12.80 5.43
CA ASN A 88 -11.24 11.85 4.76
C ASN A 88 -12.03 10.74 4.13
N PRO A 89 -11.63 10.28 2.94
CA PRO A 89 -12.21 9.10 2.36
C PRO A 89 -11.68 7.84 3.02
N LYS A 90 -12.55 6.84 3.17
CA LYS A 90 -12.19 5.52 3.63
C LYS A 90 -12.64 4.54 2.58
N SER A 91 -11.68 3.86 1.96
CA SER A 91 -11.97 2.90 0.91
C SER A 91 -12.01 1.50 1.51
N GLY A 92 -10.86 0.86 1.69
CA GLY A 92 -10.81 -0.47 2.31
C GLY A 92 -10.60 -0.43 3.82
N GLY A 93 -10.23 0.74 4.33
CA GLY A 93 -9.96 0.93 5.76
C GLY A 93 -8.72 0.26 6.28
N HIS A 94 -7.80 -0.13 5.39
CA HIS A 94 -6.55 -0.80 5.80
C HIS A 94 -5.41 0.07 6.28
N SER A 95 -5.56 1.39 6.30
CA SER A 95 -4.46 2.22 6.80
C SER A 95 -3.93 1.66 8.12
N TYR A 96 -2.62 1.44 8.20
CA TYR A 96 -2.03 0.95 9.44
C TYR A 96 -2.10 1.99 10.58
N ALA A 97 -2.38 3.25 10.21
CA ALA A 97 -2.48 4.35 11.17
C ALA A 97 -3.93 4.83 11.29
N SER A 98 -4.83 4.10 10.65
CA SER A 98 -6.25 4.45 10.62
C SER A 98 -6.49 5.84 10.04
N PHE A 99 -5.68 6.21 9.06
CA PHE A 99 -5.85 7.51 8.41
C PHE A 99 -7.15 7.69 7.61
N GLY A 100 -7.78 6.58 7.19
CA GLY A 100 -9.10 6.64 6.55
C GLY A 100 -10.18 7.08 7.51
N LEU A 101 -9.94 6.91 8.81
CA LEU A 101 -10.81 7.47 9.84
C LEU A 101 -10.45 8.91 10.21
N GLY A 102 -9.31 9.37 9.69
CA GLY A 102 -8.81 10.72 9.91
C GLY A 102 -7.59 10.75 10.78
N GLY A 103 -7.23 9.61 11.39
CA GLY A 103 -6.02 9.52 12.20
C GLY A 103 -6.14 10.24 13.55
N GLU A 104 -7.34 10.64 13.90
CA GLU A 104 -7.67 11.31 15.16
C GLU A 104 -9.19 11.34 15.15
N ASP A 105 -9.79 11.70 16.28
CA ASP A 105 -11.24 11.76 16.40
C ASP A 105 -11.76 12.98 15.67
N GLY A 106 -13.03 12.94 15.28
CA GLY A 106 -13.75 14.15 14.91
C GLY A 106 -13.73 14.59 13.47
N HIS A 107 -13.31 13.72 12.54
CA HIS A 107 -13.40 14.04 11.10
C HIS A 107 -14.67 13.42 10.54
N LEU A 108 -15.13 14.00 9.44
CA LEU A 108 -16.12 13.35 8.60
C LEU A 108 -15.43 12.25 7.86
N VAL A 109 -15.95 11.04 7.94
CA VAL A 109 -15.43 9.94 7.19
C VAL A 109 -16.37 9.70 6.03
N VAL A 110 -15.81 9.74 4.83
CA VAL A 110 -16.58 9.47 3.62
C VAL A 110 -16.31 8.02 3.29
N GLU A 111 -17.19 7.17 3.80
CA GLU A 111 -17.05 5.74 3.66
C GLU A 111 -17.50 5.31 2.27
N LEU A 112 -16.59 4.70 1.51
CA LEU A 112 -16.74 4.46 0.09
C LEU A 112 -17.08 3.02 -0.25
N ASP A 113 -17.27 2.18 0.77
CA ASP A 113 -17.42 0.74 0.58
C ASP A 113 -18.72 0.28 -0.06
N ARG A 114 -19.70 1.18 -0.17
CA ARG A 114 -20.89 0.87 -0.94
C ARG A 114 -20.66 1.10 -2.46
N MET A 115 -19.55 1.74 -2.82
CA MET A 115 -19.18 2.00 -4.21
C MET A 115 -18.02 1.08 -4.63
N TYR A 116 -18.36 -0.11 -5.12
CA TYR A 116 -17.33 -1.10 -5.42
C TYR A 116 -17.48 -1.72 -6.80
N ASN A 117 -18.24 -1.08 -7.68
CA ASN A 117 -18.43 -1.66 -9.01
C ASN A 117 -17.19 -1.60 -9.87
N VAL A 118 -17.02 -2.66 -10.64
CA VAL A 118 -15.90 -2.81 -11.55
C VAL A 118 -16.51 -3.13 -12.93
N THR A 119 -16.22 -2.28 -13.90
CA THR A 119 -16.68 -2.46 -15.28
C THR A 119 -15.44 -2.63 -16.13
N LEU A 120 -15.44 -3.64 -16.98
CA LEU A 120 -14.33 -3.86 -17.89
C LEU A 120 -14.82 -3.69 -19.31
N ASP A 121 -14.18 -2.78 -20.04
CA ASP A 121 -14.47 -2.59 -21.45
C ASP A 121 -13.87 -3.76 -22.24
N PRO A 122 -14.70 -4.50 -23.01
CA PRO A 122 -14.12 -5.61 -23.78
C PRO A 122 -13.18 -5.19 -24.91
N GLU A 123 -13.30 -3.95 -25.38
CA GLU A 123 -12.48 -3.48 -26.49
C GLU A 123 -11.12 -3.00 -25.99
N THR A 124 -11.16 -2.00 -25.13
CA THR A 124 -9.96 -1.31 -24.69
C THR A 124 -9.32 -2.01 -23.51
N HIS A 125 -10.04 -2.93 -22.88
CA HIS A 125 -9.60 -3.59 -21.65
C HIS A 125 -9.32 -2.60 -20.52
N ILE A 126 -9.96 -1.44 -20.57
CA ILE A 126 -9.86 -0.45 -19.50
C ILE A 126 -10.94 -0.78 -18.47
N ALA A 127 -10.55 -0.86 -17.21
CA ALA A 127 -11.50 -1.14 -16.15
C ALA A 127 -11.88 0.14 -15.46
N THR A 128 -13.18 0.37 -15.32
CA THR A 128 -13.67 1.47 -14.52
C THR A 128 -13.99 0.95 -13.12
N VAL A 129 -13.32 1.52 -12.13
CA VAL A 129 -13.33 0.93 -10.81
C VAL A 129 -13.77 1.98 -9.80
N GLN A 130 -14.86 1.69 -9.11
CA GLN A 130 -15.32 2.55 -8.06
C GLN A 130 -14.37 2.49 -6.87
N PRO A 131 -14.30 3.58 -6.12
CA PRO A 131 -13.18 3.79 -5.23
C PRO A 131 -13.22 2.96 -3.96
N GLY A 132 -14.35 2.36 -3.64
CA GLY A 132 -14.43 1.41 -2.52
C GLY A 132 -14.24 -0.03 -2.91
N ALA A 133 -13.89 -0.31 -4.17
CA ALA A 133 -13.62 -1.68 -4.59
C ALA A 133 -12.35 -2.19 -3.92
N ARG A 134 -12.41 -3.42 -3.41
CA ARG A 134 -11.28 -4.05 -2.79
C ARG A 134 -10.60 -4.93 -3.79
N LEU A 135 -9.32 -5.22 -3.52
CA LEU A 135 -8.45 -5.83 -4.51
C LEU A 135 -8.96 -7.19 -4.95
N GLY A 136 -9.48 -8.00 -4.02
CA GLY A 136 -9.97 -9.32 -4.36
C GLY A 136 -11.15 -9.29 -5.32
N HIS A 137 -12.04 -8.33 -5.11
CA HIS A 137 -13.18 -8.12 -6.01
C HIS A 137 -12.71 -7.67 -7.38
N ILE A 138 -11.77 -6.72 -7.41
CA ILE A 138 -11.28 -6.20 -8.68
C ILE A 138 -10.64 -7.34 -9.47
N ALA A 139 -9.73 -8.07 -8.81
CA ALA A 139 -9.03 -9.15 -9.44
C ALA A 139 -10.01 -10.20 -9.97
N THR A 140 -11.04 -10.51 -9.20
CA THR A 140 -12.04 -11.51 -9.62
C THR A 140 -12.79 -11.07 -10.86
N VAL A 141 -13.29 -9.85 -10.82
CA VAL A 141 -14.06 -9.34 -11.94
C VAL A 141 -13.22 -9.29 -13.21
N LEU A 142 -12.00 -8.76 -13.12
CA LEU A 142 -11.18 -8.56 -14.30
C LEU A 142 -10.85 -9.89 -14.93
N TYR A 143 -10.53 -10.86 -14.09
CA TYR A 143 -10.18 -12.18 -14.57
C TYR A 143 -11.41 -12.93 -15.11
N GLU A 144 -12.49 -12.96 -14.34
CA GLU A 144 -13.68 -13.68 -14.75
C GLU A 144 -14.27 -13.12 -16.05
N GLU A 145 -14.19 -11.81 -16.23
CA GLU A 145 -14.83 -11.21 -17.40
C GLU A 145 -13.99 -11.26 -18.66
N GLY A 146 -12.70 -11.02 -18.53
CA GLY A 146 -11.85 -10.96 -19.71
C GLY A 146 -10.46 -11.52 -19.53
N LYS A 147 -10.23 -12.26 -18.46
CA LYS A 147 -8.90 -12.79 -18.14
C LYS A 147 -7.86 -11.67 -18.15
N ARG A 148 -8.24 -10.56 -17.52
CA ARG A 148 -7.36 -9.40 -17.39
C ARG A 148 -6.94 -9.26 -15.95
N ALA A 149 -5.93 -8.42 -15.74
CA ALA A 149 -5.48 -8.08 -14.41
C ALA A 149 -4.76 -6.76 -14.46
N PHE A 150 -4.55 -6.17 -13.28
CA PHE A 150 -3.49 -5.20 -13.12
C PHE A 150 -2.61 -5.57 -11.93
N SER A 151 -1.50 -4.86 -11.78
CA SER A 151 -0.56 -5.18 -10.72
C SER A 151 -0.99 -4.55 -9.39
N HIS A 152 -1.23 -5.37 -8.37
CA HIS A 152 -1.59 -4.86 -7.07
C HIS A 152 -1.12 -5.76 -5.95
N GLY A 153 -1.37 -5.32 -4.72
CA GLY A 153 -0.93 -6.01 -3.54
C GLY A 153 -1.66 -7.30 -3.30
N THR A 154 -1.18 -8.04 -2.32
CA THR A 154 -1.80 -9.24 -1.86
C THR A 154 -2.78 -8.73 -0.83
N CYS A 155 -3.80 -9.49 -0.50
CA CYS A 155 -4.71 -9.03 0.54
C CYS A 155 -6.00 -8.59 -0.15
N PRO A 156 -6.96 -9.51 -0.24
CA PRO A 156 -8.23 -9.28 -0.94
C PRO A 156 -9.05 -8.13 -0.37
N GLY A 157 -8.88 -7.83 0.90
CA GLY A 157 -9.73 -6.83 1.57
C GLY A 157 -9.26 -5.41 1.44
N VAL A 158 -8.05 -5.21 0.94
CA VAL A 158 -7.49 -3.90 0.78
C VAL A 158 -8.27 -3.08 -0.25
N GLY A 159 -8.50 -1.81 0.08
CA GLY A 159 -9.28 -0.95 -0.80
C GLY A 159 -8.40 -0.40 -1.90
N VAL A 160 -8.94 -0.29 -3.10
CA VAL A 160 -8.18 0.27 -4.23
C VAL A 160 -7.82 1.74 -3.98
N GLY A 161 -8.63 2.41 -3.17
CA GLY A 161 -8.43 3.83 -2.91
C GLY A 161 -7.08 4.15 -2.31
N GLY A 162 -6.84 3.63 -1.11
CA GLY A 162 -5.58 3.94 -0.43
C GLY A 162 -4.43 3.24 -1.10
N HIS A 163 -4.69 2.04 -1.57
CA HIS A 163 -3.64 1.22 -2.13
C HIS A 163 -3.04 1.84 -3.38
N SER A 164 -3.86 2.15 -4.38
CA SER A 164 -3.36 2.57 -5.70
C SER A 164 -2.84 3.99 -5.68
N LEU A 165 -3.30 4.79 -4.72
CA LEU A 165 -2.91 6.20 -4.69
C LEU A 165 -1.57 6.44 -4.01
N HIS A 166 -1.05 5.43 -3.35
CA HIS A 166 0.26 5.58 -2.72
C HIS A 166 1.28 4.56 -3.13
N GLY A 167 0.97 3.77 -4.16
CA GLY A 167 1.95 2.80 -4.68
C GLY A 167 1.22 1.50 -4.97
N GLY A 168 1.48 0.48 -4.14
CA GLY A 168 0.80 -0.79 -4.21
C GLY A 168 1.65 -1.86 -4.87
N PHE A 169 2.33 -2.62 -4.04
CA PHE A 169 3.33 -3.59 -4.44
C PHE A 169 2.83 -5.00 -4.12
N GLY A 170 2.94 -5.90 -5.11
CA GLY A 170 2.59 -7.27 -4.91
C GLY A 170 3.41 -8.22 -5.76
N PHE A 171 2.85 -9.41 -5.92
CA PHE A 171 3.54 -10.51 -6.59
C PHE A 171 3.51 -10.45 -8.12
N SER A 172 3.11 -9.30 -8.66
CA SER A 172 3.27 -8.99 -10.06
C SER A 172 4.12 -7.74 -10.28
N SER A 173 4.65 -7.16 -9.21
CA SER A 173 5.20 -5.82 -9.30
C SER A 173 6.55 -5.80 -10.01
N HIS A 174 7.39 -6.78 -9.75
CA HIS A 174 8.61 -6.89 -10.54
C HIS A 174 8.27 -6.98 -12.04
N SER A 175 7.26 -7.79 -12.38
CA SER A 175 6.86 -7.96 -13.77
C SER A 175 6.13 -6.76 -14.37
N HIS A 176 5.32 -6.07 -13.57
CA HIS A 176 4.32 -5.12 -14.11
C HIS A 176 4.15 -3.80 -13.34
N GLY A 177 4.92 -3.59 -12.29
CA GLY A 177 4.90 -2.30 -11.62
C GLY A 177 3.96 -2.25 -10.45
N LEU A 178 3.69 -1.04 -10.02
CA LEU A 178 2.87 -0.83 -8.83
C LEU A 178 1.43 -0.65 -9.28
N ALA A 179 0.49 -0.76 -8.35
CA ALA A 179 -0.93 -0.50 -8.67
C ALA A 179 -1.11 0.89 -9.26
N VAL A 180 -0.41 1.88 -8.69
CA VAL A 180 -0.44 3.26 -9.14
C VAL A 180 -0.06 3.40 -10.63
N ASP A 181 0.75 2.49 -11.12
CA ASP A 181 1.18 2.50 -12.52
C ASP A 181 0.14 2.08 -13.52
N TRP A 182 -0.96 1.51 -13.04
CA TRP A 182 -2.02 1.05 -13.93
C TRP A 182 -3.18 2.05 -13.99
N ILE A 183 -3.10 3.11 -13.18
CA ILE A 183 -4.10 4.15 -13.26
C ILE A 183 -3.90 4.92 -14.57
N THR A 184 -4.96 5.01 -15.37
CA THR A 184 -4.90 5.82 -16.59
C THR A 184 -5.67 7.13 -16.42
N SER A 185 -6.68 7.16 -15.57
CA SER A 185 -7.36 8.41 -15.23
C SER A 185 -8.14 8.25 -13.93
N ALA A 186 -8.53 9.37 -13.35
CA ALA A 186 -9.30 9.37 -12.12
C ALA A 186 -10.22 10.58 -12.14
N ASP A 187 -11.44 10.39 -11.66
CA ASP A 187 -12.33 11.50 -11.40
C ASP A 187 -12.19 11.86 -9.94
N VAL A 188 -12.04 13.15 -9.64
CA VAL A 188 -11.71 13.59 -8.32
C VAL A 188 -12.64 14.68 -7.86
N VAL A 189 -13.08 14.56 -6.61
CA VAL A 189 -13.83 15.61 -5.93
C VAL A 189 -12.84 16.42 -5.12
N LEU A 190 -12.70 17.69 -5.47
CA LEU A 190 -11.77 18.59 -4.77
C LEU A 190 -12.38 19.14 -3.48
N ALA A 191 -11.54 19.80 -2.68
CA ALA A 191 -11.92 20.29 -1.38
C ALA A 191 -13.11 21.22 -1.41
N ASN A 192 -13.28 21.96 -2.50
CA ASN A 192 -14.43 22.86 -2.66
C ASN A 192 -15.61 22.25 -3.45
N GLY A 193 -15.64 20.94 -3.55
CA GLY A 193 -16.73 20.26 -4.24
C GLY A 193 -16.62 20.19 -5.76
N SER A 194 -15.64 20.87 -6.36
CA SER A 194 -15.43 20.78 -7.81
C SER A 194 -15.05 19.37 -8.24
N LEU A 195 -15.48 19.00 -9.45
CA LEU A 195 -15.09 17.74 -10.07
C LEU A 195 -14.03 17.99 -11.11
N VAL A 196 -13.07 17.08 -11.17
CA VAL A 196 -12.06 17.16 -12.20
C VAL A 196 -11.74 15.75 -12.58
N THR A 197 -11.30 15.57 -13.81
CA THR A 197 -10.75 14.32 -14.26
C THR A 197 -9.27 14.58 -14.43
N ALA A 198 -8.47 13.68 -13.89
CA ALA A 198 -7.01 13.77 -13.98
C ALA A 198 -6.49 12.63 -14.83
N SER A 199 -5.57 12.95 -15.72
CA SER A 199 -4.94 11.98 -16.60
C SER A 199 -3.64 12.60 -17.10
N GLU A 200 -2.93 11.91 -17.98
CA GLU A 200 -1.71 12.50 -18.52
C GLU A 200 -1.96 13.76 -19.33
N THR A 201 -3.14 13.87 -19.93
CA THR A 201 -3.51 15.01 -20.78
C THR A 201 -4.50 15.97 -20.13
N GLU A 202 -4.81 15.78 -18.86
CA GLU A 202 -5.77 16.64 -18.21
C GLU A 202 -5.45 16.75 -16.73
N ASN A 203 -5.31 17.98 -16.26
CA ASN A 203 -4.88 18.27 -14.89
C ASN A 203 -3.63 17.46 -14.56
N PRO A 204 -2.58 17.58 -15.41
CA PRO A 204 -1.42 16.71 -15.27
C PRO A 204 -0.70 16.87 -13.93
N ASP A 205 -0.71 18.07 -13.33
CA ASP A 205 -0.15 18.25 -11.98
C ASP A 205 -0.87 17.38 -10.96
N LEU A 206 -2.20 17.37 -11.02
CA LEU A 206 -3.02 16.58 -10.11
C LEU A 206 -2.79 15.11 -10.38
N PHE A 207 -2.72 14.73 -11.65
CA PHE A 207 -2.47 13.34 -12.00
C PHE A 207 -1.13 12.89 -11.41
N TRP A 208 -0.13 13.74 -11.55
CA TRP A 208 1.17 13.50 -10.92
C TRP A 208 1.03 13.37 -9.40
N ALA A 209 0.36 14.33 -8.75
CA ALA A 209 0.23 14.29 -7.28
C ALA A 209 -0.56 13.08 -6.78
N LEU A 210 -1.63 12.71 -7.50
CA LEU A 210 -2.43 11.55 -7.14
C LEU A 210 -1.64 10.26 -7.10
N ARG A 211 -0.68 10.15 -8.02
CA ARG A 211 -0.03 8.91 -8.27
C ARG A 211 1.17 8.72 -7.36
N GLY A 212 0.85 8.65 -6.06
CA GLY A 212 1.84 8.49 -4.98
C GLY A 212 1.42 9.14 -3.67
N ALA A 213 0.64 10.21 -3.76
CA ALA A 213 0.25 10.97 -2.57
C ALA A 213 -1.23 11.36 -2.58
N GLY A 214 -2.04 10.56 -3.27
CA GLY A 214 -3.43 10.92 -3.60
C GLY A 214 -4.39 11.16 -2.44
N SER A 215 -4.04 10.73 -1.24
CA SER A 215 -4.84 11.00 -0.06
C SER A 215 -4.89 12.49 0.30
N ASN A 216 -4.01 13.29 -0.30
CA ASN A 216 -3.86 14.67 0.10
C ASN A 216 -4.59 15.67 -0.78
N PHE A 217 -5.12 15.23 -1.92
CA PHE A 217 -5.58 16.18 -2.93
C PHE A 217 -7.05 16.20 -3.30
N GLY A 218 -7.84 15.27 -2.76
CA GLY A 218 -9.25 15.19 -3.08
C GLY A 218 -9.71 13.78 -2.83
N ILE A 219 -10.98 13.51 -3.07
CA ILE A 219 -11.47 12.15 -2.99
C ILE A 219 -11.64 11.67 -4.41
N VAL A 220 -10.90 10.65 -4.77
CA VAL A 220 -11.07 10.00 -6.07
C VAL A 220 -12.40 9.27 -6.04
N ALA A 221 -13.27 9.63 -6.96
CA ALA A 221 -14.61 9.08 -7.05
C ALA A 221 -14.75 7.98 -8.08
N SER A 222 -13.79 7.89 -9.00
CA SER A 222 -13.77 6.83 -9.96
C SER A 222 -12.35 6.71 -10.46
N PHE A 223 -11.89 5.47 -10.62
CA PHE A 223 -10.61 5.17 -11.26
C PHE A 223 -10.86 4.51 -12.61
N ARG A 224 -9.98 4.78 -13.58
CA ARG A 224 -9.85 3.89 -14.74
C ARG A 224 -8.49 3.29 -14.70
N PHE A 225 -8.45 1.97 -14.86
CA PHE A 225 -7.22 1.24 -14.84
C PHE A 225 -7.03 0.57 -16.19
N LYS A 226 -5.84 0.73 -16.76
CA LYS A 226 -5.38 -0.18 -17.80
C LYS A 226 -5.19 -1.57 -17.18
N THR A 227 -5.14 -2.58 -18.05
CA THR A 227 -4.93 -3.94 -17.61
C THR A 227 -3.96 -4.65 -18.55
N PHE A 228 -3.40 -5.74 -18.07
CA PHE A 228 -2.66 -6.67 -18.93
C PHE A 228 -3.44 -7.97 -19.01
N ALA A 229 -3.17 -8.77 -20.05
CA ALA A 229 -3.76 -10.10 -20.14
C ALA A 229 -3.17 -10.95 -19.02
N ALA A 230 -4.01 -11.54 -18.19
CA ALA A 230 -3.52 -12.37 -17.09
C ALA A 230 -2.76 -13.57 -17.66
N PRO A 231 -1.57 -13.87 -17.12
CA PRO A 231 -0.89 -15.07 -17.61
C PRO A 231 -1.69 -16.32 -17.30
N PRO A 232 -1.69 -17.31 -18.19
CA PRO A 232 -2.48 -18.50 -17.95
C PRO A 232 -2.00 -19.27 -16.72
N ASN A 233 -0.71 -19.19 -16.40
CA ASN A 233 -0.13 -19.95 -15.29
C ASN A 233 0.90 -19.14 -14.52
N VAL A 234 0.85 -19.26 -13.19
CA VAL A 234 1.84 -18.67 -12.31
C VAL A 234 2.28 -19.74 -11.30
N THR A 235 3.53 -19.68 -10.86
CA THR A 235 4.08 -20.72 -10.04
C THR A 235 4.60 -20.11 -8.76
N SER A 236 3.99 -20.47 -7.64
CA SER A 236 4.49 -20.00 -6.35
C SER A 236 5.59 -20.94 -5.90
N TYR A 237 6.49 -20.45 -5.07
CA TYR A 237 7.59 -21.26 -4.58
C TYR A 237 8.20 -20.61 -3.36
N GLU A 238 9.00 -21.39 -2.65
CA GLU A 238 9.68 -20.91 -1.47
C GLU A 238 11.12 -21.39 -1.47
N ILE A 239 11.99 -20.61 -0.83
CA ILE A 239 13.37 -21.03 -0.60
C ILE A 239 13.66 -20.69 0.83
N ASN A 240 13.78 -21.73 1.66
CA ASN A 240 14.09 -21.52 3.05
C ASN A 240 15.55 -21.10 3.21
N LEU A 241 15.77 -20.12 4.08
CA LEU A 241 17.07 -19.52 4.26
C LEU A 241 17.57 -19.82 5.67
N PRO A 242 18.84 -20.22 5.81
CA PRO A 242 19.39 -20.58 7.11
C PRO A 242 19.84 -19.37 7.91
N TRP A 243 18.92 -18.43 8.12
CA TRP A 243 19.30 -17.15 8.69
C TRP A 243 19.13 -17.17 10.22
N THR A 244 19.94 -18.00 10.85
CA THR A 244 19.82 -18.30 12.27
C THR A 244 20.97 -17.74 13.07
N ASN A 245 21.95 -17.13 12.40
CA ASN A 245 22.91 -16.29 13.10
C ASN A 245 23.30 -15.10 12.23
N SER A 246 23.95 -14.13 12.84
CA SER A 246 24.23 -12.87 12.17
C SER A 246 25.08 -13.07 10.91
N SER A 247 26.09 -13.93 10.98
CA SER A 247 26.97 -14.10 9.83
C SER A 247 26.21 -14.68 8.63
N ASN A 248 25.30 -15.61 8.87
CA ASN A 248 24.49 -16.18 7.80
C ASN A 248 23.59 -15.15 7.16
N VAL A 249 23.04 -14.24 7.96
CA VAL A 249 22.17 -13.21 7.42
C VAL A 249 22.99 -12.28 6.54
N VAL A 250 24.14 -11.87 7.05
CA VAL A 250 24.95 -10.90 6.34
C VAL A 250 25.39 -11.47 5.00
N LYS A 251 25.92 -12.68 5.03
CA LYS A 251 26.46 -13.28 3.81
C LYS A 251 25.34 -13.58 2.82
N GLY A 252 24.19 -14.00 3.36
CA GLY A 252 23.04 -14.37 2.53
C GLY A 252 22.43 -13.16 1.85
N TRP A 253 22.19 -12.12 2.64
CA TRP A 253 21.63 -10.90 2.14
C TRP A 253 22.61 -10.21 1.23
N GLY A 254 23.90 -10.25 1.58
CA GLY A 254 24.93 -9.59 0.77
C GLY A 254 24.92 -10.20 -0.62
N ALA A 255 24.82 -11.53 -0.70
CA ALA A 255 24.76 -12.21 -1.97
C ALA A 255 23.48 -11.84 -2.71
N LEU A 256 22.36 -11.83 -1.99
CA LEU A 256 21.07 -11.60 -2.60
C LEU A 256 20.98 -10.21 -3.23
N GLN A 257 21.44 -9.18 -2.50
CA GLN A 257 21.40 -7.83 -3.06
C GLN A 257 22.31 -7.66 -4.25
N GLU A 258 23.49 -8.27 -4.22
CA GLU A 258 24.41 -8.21 -5.34
C GLU A 258 23.76 -8.89 -6.57
N TRP A 259 23.13 -10.04 -6.35
CA TRP A 259 22.42 -10.75 -7.42
C TRP A 259 21.32 -9.87 -8.02
N LEU A 260 20.50 -9.26 -7.17
CA LEU A 260 19.37 -8.45 -7.65
C LEU A 260 19.90 -7.22 -8.39
N LEU A 261 20.86 -6.55 -7.79
CA LEU A 261 21.38 -5.31 -8.29
C LEU A 261 22.07 -5.53 -9.64
N ASN A 262 22.60 -6.71 -9.84
CA ASN A 262 23.20 -7.06 -11.11
C ASN A 262 22.29 -7.73 -12.14
N GLY A 263 20.98 -7.65 -11.96
CA GLY A 263 20.04 -8.11 -12.98
C GLY A 263 19.80 -9.61 -12.95
N GLY A 264 20.01 -10.22 -11.79
CA GLY A 264 19.83 -11.66 -11.65
C GLY A 264 18.38 -12.10 -11.70
N MET A 265 17.47 -11.23 -11.27
CA MET A 265 16.05 -11.56 -11.19
C MET A 265 15.33 -11.26 -12.50
N PRO A 266 14.80 -12.27 -13.16
CA PRO A 266 14.21 -11.98 -14.45
C PRO A 266 12.85 -11.30 -14.29
N GLU A 267 12.40 -10.66 -15.37
CA GLU A 267 11.16 -9.90 -15.32
C GLU A 267 9.97 -10.72 -14.82
N GLU A 268 9.92 -12.01 -15.17
CA GLU A 268 8.80 -12.88 -14.82
C GLU A 268 8.76 -13.26 -13.33
N MET A 269 9.88 -13.05 -12.63
CA MET A 269 10.02 -13.45 -11.24
C MET A 269 9.68 -12.30 -10.28
N ASN A 270 8.92 -12.62 -9.25
CA ASN A 270 8.46 -11.65 -8.27
C ASN A 270 8.65 -12.31 -6.95
N MET A 271 9.40 -11.66 -6.05
CA MET A 271 9.95 -12.38 -4.89
C MET A 271 10.20 -11.44 -3.72
N ARG A 272 10.16 -12.01 -2.52
CA ARG A 272 10.47 -11.31 -1.29
C ARG A 272 11.07 -12.30 -0.28
N VAL A 273 11.77 -11.76 0.70
CA VAL A 273 12.10 -12.49 1.90
C VAL A 273 11.00 -12.22 2.91
N LEU A 274 10.43 -13.29 3.47
CA LEU A 274 9.60 -13.19 4.66
C LEU A 274 10.40 -13.79 5.80
N GLY A 275 10.56 -13.03 6.87
CA GLY A 275 11.27 -13.48 8.04
C GLY A 275 10.38 -13.33 9.25
N ASN A 276 10.41 -14.31 10.13
CA ASN A 276 9.87 -14.16 11.48
C ASN A 276 10.82 -14.86 12.43
N ALA A 277 10.50 -14.95 13.71
CA ALA A 277 11.41 -15.51 14.69
C ALA A 277 11.72 -16.99 14.45
N PHE A 278 10.85 -17.66 13.70
CA PHE A 278 10.84 -19.12 13.61
C PHE A 278 11.18 -19.67 12.22
N GLN A 279 11.12 -18.83 11.20
CA GLN A 279 11.56 -19.24 9.87
C GLN A 279 11.84 -18.01 9.01
N THR A 280 12.78 -18.16 8.08
CA THR A 280 13.06 -17.14 7.08
C THR A 280 13.06 -17.83 5.72
N GLN A 281 12.41 -17.24 4.74
CA GLN A 281 12.40 -17.85 3.42
C GLN A 281 12.14 -16.81 2.37
N LEU A 282 12.62 -17.09 1.16
CA LEU A 282 12.16 -16.36 0.01
C LEU A 282 10.83 -16.96 -0.37
N GLN A 283 9.92 -16.10 -0.81
CA GLN A 283 8.62 -16.48 -1.34
C GLN A 283 8.51 -15.78 -2.66
N GLY A 284 8.16 -16.53 -3.70
CA GLY A 284 8.04 -15.99 -5.02
C GLY A 284 6.76 -16.36 -5.73
N LEU A 285 6.46 -15.61 -6.77
CA LEU A 285 5.47 -15.97 -7.76
C LEU A 285 6.12 -15.74 -9.12
N TYR A 286 6.30 -16.81 -9.87
CA TYR A 286 6.91 -16.74 -11.17
C TYR A 286 5.82 -16.77 -12.21
N HIS A 287 5.83 -15.78 -13.11
CA HIS A 287 4.81 -15.71 -14.15
C HIS A 287 5.19 -16.62 -15.32
N GLY A 288 4.93 -17.90 -15.10
CA GLY A 288 5.29 -18.96 -16.03
C GLY A 288 5.10 -20.28 -15.30
N ASN A 289 5.40 -21.39 -15.97
CA ASN A 289 5.15 -22.71 -15.41
C ASN A 289 6.34 -23.15 -14.57
N ALA A 290 6.25 -24.33 -13.97
CA ALA A 290 7.22 -24.77 -12.98
C ALA A 290 8.59 -25.04 -13.59
N SER A 291 8.61 -25.63 -14.79
CA SER A 291 9.89 -25.92 -15.46
C SER A 291 10.62 -24.63 -15.81
N ALA A 292 9.87 -23.59 -16.18
CA ALA A 292 10.47 -22.31 -16.52
C ALA A 292 11.03 -21.64 -15.26
N LEU A 293 10.29 -21.72 -14.17
CA LEU A 293 10.78 -21.23 -12.87
C LEU A 293 12.10 -21.91 -12.47
N LYS A 294 12.12 -23.24 -12.53
CA LYS A 294 13.27 -24.00 -12.06
C LYS A 294 14.53 -23.54 -12.78
N THR A 295 14.42 -23.38 -14.09
CA THR A 295 15.52 -22.91 -14.93
C THR A 295 15.92 -21.47 -14.54
N ALA A 296 14.93 -20.63 -14.33
CA ALA A 296 15.15 -19.22 -13.99
C ALA A 296 15.79 -19.02 -12.62
N ILE A 297 15.46 -19.89 -11.67
CA ILE A 297 15.88 -19.71 -10.28
C ILE A 297 17.21 -20.41 -9.97
N GLN A 298 17.68 -21.28 -10.87
CA GLN A 298 18.87 -22.04 -10.59
C GLN A 298 20.12 -21.22 -10.20
N PRO A 299 20.44 -20.15 -10.95
CA PRO A 299 21.60 -19.33 -10.57
C PRO A 299 21.55 -18.80 -9.13
N LEU A 300 20.37 -18.35 -8.69
CA LEU A 300 20.22 -17.91 -7.30
C LEU A 300 20.44 -19.06 -6.31
N LEU A 301 19.85 -20.22 -6.60
CA LEU A 301 19.99 -21.38 -5.72
C LEU A 301 21.46 -21.78 -5.53
N ALA A 302 22.22 -21.75 -6.62
CA ALA A 302 23.65 -22.06 -6.59
C ALA A 302 24.41 -21.01 -5.79
N LEU A 303 24.03 -19.75 -5.96
CA LEU A 303 24.65 -18.64 -5.24
C LEU A 303 24.43 -18.73 -3.73
N LEU A 304 23.18 -18.98 -3.32
CA LEU A 304 22.83 -19.11 -1.90
C LEU A 304 23.04 -20.52 -1.33
N ASP A 305 23.37 -21.47 -2.19
CA ASP A 305 23.42 -22.87 -1.83
C ASP A 305 22.14 -23.27 -1.10
N ALA A 306 21.01 -23.10 -1.80
CA ALA A 306 19.71 -23.37 -1.23
C ALA A 306 18.88 -24.22 -2.16
N ASN A 307 17.76 -24.70 -1.63
CA ASN A 307 16.87 -25.57 -2.36
C ASN A 307 15.51 -24.92 -2.51
N LEU A 308 14.90 -25.14 -3.67
CA LEU A 308 13.49 -24.78 -3.87
C LEU A 308 12.61 -25.68 -3.04
N SER A 309 11.49 -25.15 -2.57
CA SER A 309 10.47 -26.00 -1.95
C SER A 309 9.08 -25.48 -2.30
N SER A 310 8.07 -26.32 -2.04
CA SER A 310 6.67 -25.93 -2.21
C SER A 310 6.42 -25.30 -3.58
N VAL A 311 6.92 -25.94 -4.63
CA VAL A 311 6.70 -25.42 -5.97
C VAL A 311 5.29 -25.83 -6.38
N GLN A 312 4.44 -24.84 -6.62
CA GLN A 312 3.03 -25.08 -6.96
C GLN A 312 2.64 -24.24 -8.17
N GLU A 313 2.17 -24.90 -9.22
CA GLU A 313 1.66 -24.19 -10.40
C GLU A 313 0.19 -23.87 -10.21
N HIS A 314 -0.22 -22.69 -10.64
CA HIS A 314 -1.57 -22.20 -10.42
C HIS A 314 -2.11 -21.56 -11.69
N ASP A 315 -3.43 -21.47 -11.81
CA ASP A 315 -4.00 -20.47 -12.73
C ASP A 315 -3.88 -19.11 -12.05
N TRP A 316 -4.28 -18.06 -12.75
CA TRP A 316 -4.10 -16.71 -12.27
C TRP A 316 -4.74 -16.44 -10.90
N MET A 317 -6.01 -16.82 -10.74
CA MET A 317 -6.71 -16.50 -9.50
C MET A 317 -6.23 -17.38 -8.36
N GLU A 318 -5.85 -18.60 -8.68
CA GLU A 318 -5.33 -19.49 -7.66
C GLU A 318 -3.99 -18.94 -7.15
N GLY A 319 -3.21 -18.32 -8.05
CA GLY A 319 -1.97 -17.64 -7.63
C GLY A 319 -2.29 -16.54 -6.64
N PHE A 320 -3.34 -15.78 -6.95
CA PHE A 320 -3.72 -14.70 -6.06
C PHE A 320 -4.17 -15.25 -4.72
N ARG A 321 -5.01 -16.30 -4.72
CA ARG A 321 -5.48 -16.88 -3.47
C ARG A 321 -4.34 -17.42 -2.63
N HIS A 322 -3.33 -18.00 -3.30
CA HIS A 322 -2.20 -18.58 -2.59
C HIS A 322 -1.55 -17.63 -1.58
N TYR A 323 -1.35 -16.37 -2.00
CA TYR A 323 -0.72 -15.36 -1.12
C TYR A 323 -1.72 -14.43 -0.45
N ALA A 324 -3.00 -14.73 -0.57
CA ALA A 324 -4.07 -13.89 -0.05
C ALA A 324 -4.21 -14.07 1.46
N TYR A 325 -4.05 -15.30 1.94
CA TYR A 325 -4.12 -15.61 3.37
C TYR A 325 -5.46 -15.15 3.96
N SER A 326 -6.52 -15.54 3.27
CA SER A 326 -7.86 -15.08 3.56
C SER A 326 -8.78 -16.11 2.93
N GLY A 327 -9.86 -16.45 3.63
CA GLY A 327 -10.86 -17.36 3.07
C GLY A 327 -11.54 -16.68 1.90
N GLU A 328 -12.09 -15.50 2.17
CA GLU A 328 -12.85 -14.75 1.17
C GLU A 328 -11.91 -13.99 0.22
N ILE A 329 -12.15 -14.15 -1.09
CA ILE A 329 -11.41 -13.41 -2.10
C ILE A 329 -12.25 -12.28 -2.68
N ASP A 330 -13.43 -12.60 -3.20
CA ASP A 330 -14.30 -11.61 -3.84
C ASP A 330 -15.12 -10.88 -2.77
N ILE A 331 -14.47 -10.00 -2.04
CA ILE A 331 -15.08 -9.32 -0.91
C ILE A 331 -15.72 -8.00 -1.33
N THR A 332 -17.03 -7.90 -1.11
CA THR A 332 -17.77 -6.67 -1.29
C THR A 332 -18.70 -6.33 -0.11
N ASP A 333 -18.78 -7.22 0.88
CA ASP A 333 -19.74 -7.09 1.97
C ASP A 333 -19.36 -5.90 2.85
N PRO A 334 -20.30 -4.95 3.06
CA PRO A 334 -20.04 -3.83 3.97
C PRO A 334 -19.79 -4.26 5.44
N GLY A 335 -20.18 -5.48 5.80
CA GLY A 335 -19.88 -6.04 7.11
C GLY A 335 -18.40 -6.39 7.34
N TYR A 336 -17.59 -6.31 6.28
CA TYR A 336 -16.15 -6.53 6.38
C TYR A 336 -15.61 -5.95 7.69
N ASP A 337 -14.91 -6.77 8.45
CA ASP A 337 -14.42 -6.36 9.77
C ASP A 337 -13.14 -7.09 10.20
N GLN A 338 -12.31 -7.50 9.24
CA GLN A 338 -11.04 -8.12 9.58
C GLN A 338 -10.22 -7.07 10.30
N SER A 339 -9.61 -7.44 11.44
CA SER A 339 -8.75 -6.49 12.13
C SER A 339 -7.65 -7.21 12.92
N GLU A 340 -6.57 -6.47 13.18
CA GLU A 340 -5.44 -6.94 13.98
C GLU A 340 -4.97 -5.83 14.86
N THR A 341 -4.18 -6.18 15.87
CA THR A 341 -3.59 -5.20 16.77
C THR A 341 -2.10 -5.23 16.55
N PHE A 342 -1.51 -4.12 16.16
CA PHE A 342 -0.11 -4.14 15.76
C PHE A 342 0.51 -2.75 15.69
N TYR A 343 1.85 -2.76 15.59
CA TYR A 343 2.63 -1.61 15.16
C TYR A 343 3.42 -2.03 13.93
N SER A 344 3.62 -1.10 13.02
CA SER A 344 4.35 -1.42 11.79
C SER A 344 5.21 -0.27 11.33
N LYS A 345 6.33 -0.61 10.69
CA LYS A 345 7.19 0.36 10.08
C LYS A 345 7.52 -0.13 8.67
N SER A 346 8.06 0.78 7.89
CA SER A 346 8.53 0.45 6.57
C SER A 346 9.86 1.10 6.30
N LEU A 347 10.45 0.68 5.19
CA LEU A 347 11.63 1.29 4.66
C LEU A 347 11.69 1.01 3.18
N VAL A 348 12.38 1.91 2.51
CA VAL A 348 12.91 1.68 1.17
C VAL A 348 14.39 1.97 1.31
N THR A 349 15.22 1.07 0.80
CA THR A 349 16.65 1.28 0.87
C THR A 349 17.31 0.91 -0.46
N SER A 350 18.51 1.44 -0.63
CA SER A 350 19.45 0.96 -1.61
C SER A 350 19.98 -0.41 -1.17
N ALA A 351 20.97 -0.94 -1.88
CA ALA A 351 21.79 -2.00 -1.32
C ALA A 351 22.37 -1.49 0.01
N LEU A 352 22.62 -2.41 0.93
CA LEU A 352 23.11 -2.06 2.25
C LEU A 352 24.61 -2.33 2.35
N PRO A 353 25.37 -1.37 2.88
CA PRO A 353 26.75 -1.65 3.16
C PRO A 353 26.88 -2.77 4.20
N PRO A 354 27.94 -3.57 4.12
CA PRO A 354 28.08 -4.70 5.05
C PRO A 354 28.01 -4.32 6.54
N ASP A 355 28.53 -3.15 6.90
CA ASP A 355 28.43 -2.61 8.26
C ASP A 355 26.97 -2.49 8.72
N VAL A 356 26.10 -2.04 7.81
CA VAL A 356 24.67 -1.99 8.07
C VAL A 356 24.07 -3.40 8.06
N LEU A 357 24.44 -4.24 7.10
CA LEU A 357 23.98 -5.62 7.16
C LEU A 357 24.27 -6.21 8.55
N GLU A 358 25.46 -5.97 9.07
CA GLU A 358 25.84 -6.55 10.36
C GLU A 358 24.97 -6.04 11.50
N ARG A 359 24.73 -4.73 11.52
CA ARG A 359 23.90 -4.17 12.58
C ARG A 359 22.45 -4.66 12.49
N VAL A 360 21.91 -4.70 11.28
CA VAL A 360 20.55 -5.20 11.03
C VAL A 360 20.44 -6.67 11.41
N ALA A 361 21.45 -7.45 11.04
CA ALA A 361 21.48 -8.88 11.36
C ALA A 361 21.59 -9.12 12.86
N GLU A 362 22.46 -8.35 13.53
CA GLU A 362 22.63 -8.49 14.96
C GLU A 362 21.32 -8.14 15.65
N TYR A 363 20.67 -7.12 15.16
CA TYR A 363 19.38 -6.75 15.74
C TYR A 363 18.36 -7.89 15.56
N TRP A 364 18.38 -8.49 14.38
CA TRP A 364 17.47 -9.58 14.03
C TRP A 364 17.65 -10.72 15.00
N ILE A 365 18.89 -11.16 15.14
CA ILE A 365 19.20 -12.36 15.88
C ILE A 365 19.11 -12.13 17.38
N GLU A 366 19.61 -11.00 17.86
CA GLU A 366 19.74 -10.77 19.29
C GLU A 366 18.57 -10.05 19.91
N THR A 367 17.81 -9.32 19.11
CA THR A 367 16.68 -8.57 19.63
C THR A 367 15.37 -9.12 19.05
N ALA A 368 15.19 -8.99 17.73
CA ALA A 368 13.92 -9.39 17.10
C ALA A 368 13.54 -10.83 17.46
N ASN A 369 14.46 -11.76 17.32
CA ASN A 369 14.15 -13.16 17.62
C ASN A 369 13.68 -13.42 19.06
N LYS A 370 14.02 -12.52 19.97
CA LYS A 370 13.64 -12.65 21.38
C LYS A 370 12.37 -11.94 21.76
N VAL A 371 11.83 -11.13 20.86
CA VAL A 371 10.60 -10.39 21.14
C VAL A 371 9.43 -11.35 21.24
N ARG A 372 8.68 -11.25 22.34
CA ARG A 372 7.67 -12.25 22.67
C ARG A 372 6.29 -11.89 22.10
N ARG A 373 6.31 -11.41 20.86
CA ARG A 373 5.12 -11.11 20.09
C ARG A 373 5.28 -11.60 18.66
N SER A 374 4.17 -11.74 17.96
CA SER A 374 4.17 -12.15 16.56
C SER A 374 4.61 -11.04 15.60
N TRP A 375 5.89 -11.03 15.29
CA TRP A 375 6.42 -10.05 14.38
C TRP A 375 6.86 -10.73 13.07
N TYR A 376 6.92 -9.94 12.00
CA TYR A 376 7.58 -10.39 10.77
C TYR A 376 8.26 -9.23 10.09
N ILE A 377 9.19 -9.56 9.20
CA ILE A 377 9.79 -8.59 8.30
C ILE A 377 9.64 -9.12 6.86
N ILE A 378 9.25 -8.23 5.97
CA ILE A 378 9.23 -8.56 4.55
C ILE A 378 10.28 -7.68 3.89
N ILE A 379 11.14 -8.28 3.07
CA ILE A 379 12.07 -7.54 2.26
C ILE A 379 11.71 -7.88 0.82
N ASP A 380 11.10 -6.93 0.13
CA ASP A 380 10.66 -7.19 -1.23
C ASP A 380 11.83 -7.02 -2.18
N MET A 381 11.96 -7.93 -3.14
CA MET A 381 12.89 -7.72 -4.24
C MET A 381 12.25 -6.70 -5.17
N TYR A 382 12.62 -5.45 -4.98
CA TYR A 382 11.82 -4.32 -5.45
C TYR A 382 12.39 -3.70 -6.73
N GLY A 383 13.70 -3.47 -6.72
CA GLY A 383 14.38 -2.71 -7.76
C GLY A 383 15.29 -3.57 -8.62
N GLY A 384 16.37 -2.97 -9.08
CA GLY A 384 17.30 -3.64 -9.96
C GLY A 384 16.93 -3.48 -11.42
N PRO A 385 17.83 -3.90 -12.32
CA PRO A 385 17.73 -3.65 -13.76
C PRO A 385 16.49 -4.19 -14.47
N ASN A 386 15.85 -5.20 -13.91
CA ASN A 386 14.69 -5.82 -14.55
C ASN A 386 13.34 -5.47 -13.99
N SER A 387 13.32 -4.64 -12.96
CA SER A 387 12.08 -4.30 -12.28
C SER A 387 11.22 -3.31 -13.09
N ALA A 388 9.96 -3.66 -13.29
CA ALA A 388 9.02 -2.74 -13.90
C ALA A 388 8.78 -1.54 -12.99
N VAL A 389 8.87 -1.74 -11.67
CA VAL A 389 8.63 -0.64 -10.72
C VAL A 389 9.60 0.51 -10.98
N THR A 390 10.87 0.19 -11.08
CA THR A 390 11.90 1.20 -11.21
C THR A 390 12.28 1.50 -12.67
N ARG A 391 11.46 1.06 -13.62
CA ARG A 391 11.56 1.52 -15.01
C ARG A 391 10.63 2.70 -15.28
N VAL A 392 9.71 2.97 -14.36
CA VAL A 392 8.88 4.15 -14.49
C VAL A 392 9.80 5.38 -14.37
N PRO A 393 9.72 6.32 -15.34
CA PRO A 393 10.59 7.51 -15.30
C PRO A 393 10.42 8.35 -14.02
N PRO A 394 11.52 8.99 -13.56
CA PRO A 394 11.52 9.75 -12.31
C PRO A 394 10.55 10.93 -12.26
N GLY A 395 10.10 11.42 -13.42
CA GLY A 395 9.12 12.49 -13.48
C GLY A 395 7.66 12.06 -13.65
N ALA A 396 7.40 10.76 -13.74
CA ALA A 396 6.05 10.26 -14.06
C ALA A 396 4.98 10.52 -13.00
N GLY A 397 5.35 10.49 -11.73
CA GLY A 397 4.36 10.58 -10.65
C GLY A 397 5.00 10.96 -9.34
N SER A 398 4.21 11.35 -8.36
CA SER A 398 4.76 11.79 -7.08
C SER A 398 5.36 10.64 -6.28
N TYR A 399 4.93 9.41 -6.53
CA TYR A 399 5.53 8.25 -5.89
C TYR A 399 7.07 8.33 -6.07
N ALA A 400 7.83 8.23 -4.98
CA ALA A 400 9.20 8.73 -4.97
C ALA A 400 10.28 7.73 -5.36
N PHE A 401 9.94 6.45 -5.33
CA PHE A 401 10.96 5.42 -5.28
C PHE A 401 11.06 4.63 -6.58
N ARG A 402 11.66 5.26 -7.57
CA ARG A 402 11.74 4.73 -8.93
C ARG A 402 13.12 4.45 -9.49
N ASP A 403 14.17 4.79 -8.75
CA ASP A 403 15.54 4.55 -9.17
C ASP A 403 15.90 3.07 -9.05
N PRO A 404 16.29 2.44 -10.16
CA PRO A 404 16.51 0.98 -10.12
C PRO A 404 17.70 0.53 -9.25
N GLU A 405 18.64 1.43 -8.95
CA GLU A 405 19.73 1.11 -8.03
C GLU A 405 19.55 1.68 -6.60
N ARG A 406 19.05 2.90 -6.50
CA ARG A 406 18.88 3.56 -5.21
C ARG A 406 17.70 2.96 -4.42
N HIS A 407 16.69 2.49 -5.14
CA HIS A 407 15.49 1.94 -4.53
C HIS A 407 15.44 0.49 -4.89
N LEU A 408 16.18 -0.28 -4.11
CA LEU A 408 16.43 -1.68 -4.40
C LEU A 408 15.49 -2.60 -3.64
N PHE A 409 15.20 -2.22 -2.39
CA PHE A 409 14.42 -3.05 -1.47
C PHE A 409 13.32 -2.21 -0.84
N LEU A 410 12.16 -2.83 -0.70
CA LEU A 410 11.05 -2.33 0.07
C LEU A 410 10.80 -3.26 1.24
N TYR A 411 10.53 -2.67 2.38
CA TYR A 411 10.40 -3.43 3.61
C TYR A 411 9.09 -3.15 4.32
N GLU A 412 8.51 -4.21 4.88
CA GLU A 412 7.44 -4.09 5.83
C GLU A 412 7.93 -4.74 7.12
N LEU A 413 7.85 -4.00 8.22
CA LEU A 413 8.15 -4.50 9.54
C LEU A 413 6.87 -4.45 10.35
N TYR A 414 6.51 -5.58 10.96
CA TYR A 414 5.16 -5.74 11.50
C TYR A 414 5.26 -6.40 12.85
N ASP A 415 4.60 -5.82 13.84
CA ASP A 415 4.74 -6.26 15.23
C ASP A 415 3.33 -6.35 15.82
N ARG A 416 2.81 -7.57 15.91
CA ARG A 416 1.39 -7.82 16.16
C ARG A 416 1.22 -8.44 17.54
N SER A 417 0.26 -7.96 18.30
CA SER A 417 -0.05 -8.57 19.59
C SER A 417 -1.44 -9.18 19.52
N PHE A 418 -1.65 -10.28 20.26
CA PHE A 418 -2.98 -10.86 20.44
C PHE A 418 -3.47 -10.43 21.82
N GLY A 419 -4.16 -9.33 21.87
CA GLY A 419 -4.33 -8.65 23.15
C GLY A 419 -3.67 -7.29 23.01
N PRO A 420 -3.74 -6.49 24.06
CA PRO A 420 -3.37 -5.11 23.90
C PRO A 420 -1.89 -4.95 23.54
N TYR A 421 -1.62 -3.99 22.67
CA TYR A 421 -0.27 -3.73 22.25
C TYR A 421 0.44 -3.02 23.41
N PRO A 422 1.62 -3.50 23.80
CA PRO A 422 2.32 -2.89 24.94
C PRO A 422 2.90 -1.52 24.59
N ASP A 423 2.83 -0.57 25.52
CA ASP A 423 3.21 0.81 25.19
C ASP A 423 4.70 1.03 25.08
N ASP A 424 5.47 0.06 25.55
CA ASP A 424 6.91 0.06 25.35
C ASP A 424 7.31 -0.68 24.09
N GLY A 425 6.33 -1.21 23.36
CA GLY A 425 6.62 -2.10 22.23
C GLY A 425 7.28 -1.44 21.05
N PHE A 426 6.99 -0.17 20.85
CA PHE A 426 7.44 0.55 19.67
C PHE A 426 8.95 0.56 19.54
N ALA A 427 9.66 0.50 20.65
CA ALA A 427 11.12 0.55 20.65
C ALA A 427 11.70 -0.61 19.83
N PHE A 428 10.97 -1.70 19.73
CA PHE A 428 11.46 -2.87 18.97
C PHE A 428 11.64 -2.51 17.48
N LEU A 429 10.56 -2.23 16.76
CA LEU A 429 10.74 -1.84 15.37
C LEU A 429 11.51 -0.54 15.21
N ASP A 430 11.37 0.39 16.17
CA ASP A 430 12.13 1.65 16.07
C ASP A 430 13.63 1.40 16.05
N GLY A 431 14.08 0.50 16.92
CA GLY A 431 15.48 0.17 17.03
C GLY A 431 15.96 -0.53 15.78
N TRP A 432 15.10 -1.37 15.21
CA TRP A 432 15.48 -2.11 14.01
C TRP A 432 15.69 -1.15 12.85
N VAL A 433 14.78 -0.18 12.70
CA VAL A 433 14.93 0.79 11.63
C VAL A 433 16.21 1.62 11.80
N HIS A 434 16.50 2.01 13.03
CA HIS A 434 17.75 2.71 13.35
C HIS A 434 19.01 1.95 12.89
N ALA A 435 18.96 0.61 12.95
CA ALA A 435 20.09 -0.19 12.48
C ALA A 435 20.33 0.00 10.99
N PHE A 436 19.29 0.28 10.22
CA PHE A 436 19.44 0.58 8.80
C PHE A 436 19.88 2.03 8.61
N THR A 437 19.14 2.96 9.20
CA THR A 437 19.27 4.37 8.81
C THR A 437 20.54 5.01 9.37
N GLY A 438 21.12 4.43 10.42
CA GLY A 438 22.38 4.90 10.98
C GLY A 438 23.53 4.85 9.98
N GLY A 439 23.43 3.94 9.00
CA GLY A 439 24.50 3.75 8.04
C GLY A 439 24.16 4.12 6.62
N LEU A 440 23.03 4.79 6.39
CA LEU A 440 22.62 5.21 5.05
C LEU A 440 22.37 6.72 5.04
N ASP A 441 22.87 7.42 4.02
CA ASP A 441 22.50 8.82 3.86
C ASP A 441 20.99 8.88 3.59
N SER A 442 20.39 10.03 3.86
CA SER A 442 18.97 10.23 3.65
C SER A 442 18.57 10.12 2.18
N SER A 443 19.51 10.30 1.27
CA SER A 443 19.27 10.03 -0.15
C SER A 443 19.16 8.54 -0.47
N ASP A 444 19.48 7.67 0.48
CA ASP A 444 19.49 6.23 0.22
C ASP A 444 18.45 5.45 1.05
N TRP A 445 17.52 6.17 1.67
CA TRP A 445 16.38 5.50 2.26
C TRP A 445 15.18 6.41 2.33
N GLY A 446 14.02 5.76 2.31
CA GLY A 446 12.75 6.44 2.53
C GLY A 446 11.80 5.49 3.21
N MET A 447 10.54 5.88 3.28
CA MET A 447 9.51 5.03 3.86
C MET A 447 8.26 5.08 3.01
N TYR A 448 7.34 4.17 3.28
CA TYR A 448 6.27 3.84 2.34
C TYR A 448 4.96 3.92 3.07
N ILE A 449 4.17 4.94 2.71
CA ILE A 449 2.94 5.27 3.42
C ILE A 449 1.82 4.22 3.31
N ASN A 450 1.92 3.27 2.37
CA ASN A 450 1.00 2.16 2.40
C ASN A 450 1.24 1.25 3.60
N TYR A 451 2.38 1.42 4.27
CA TYR A 451 2.58 0.86 5.63
C TYR A 451 2.77 2.03 6.61
N ALA A 452 1.70 2.78 6.77
CA ALA A 452 1.73 4.05 7.47
C ALA A 452 2.17 3.88 8.92
N ASP A 453 3.15 4.68 9.30
CA ASP A 453 3.78 4.55 10.60
C ASP A 453 3.49 5.83 11.39
N PRO A 454 2.51 5.79 12.31
CA PRO A 454 2.16 7.01 13.05
C PRO A 454 3.20 7.41 14.08
N GLY A 455 4.29 6.66 14.19
CA GLY A 455 5.41 7.04 15.06
C GLY A 455 6.18 8.24 14.51
N LEU A 456 6.04 8.51 13.22
CA LEU A 456 6.74 9.64 12.58
C LEU A 456 5.94 10.90 12.81
N ASP A 457 6.61 11.97 13.22
CA ASP A 457 5.94 13.27 13.27
C ASP A 457 5.65 13.76 11.86
N ARG A 458 4.78 14.75 11.76
CA ARG A 458 4.30 15.18 10.46
C ARG A 458 5.43 15.60 9.53
N ALA A 459 6.38 16.38 10.03
CA ALA A 459 7.51 16.82 9.22
C ALA A 459 8.34 15.65 8.70
N GLU A 460 8.68 14.72 9.60
CA GLU A 460 9.49 13.60 9.19
C GLU A 460 8.73 12.77 8.19
N ALA A 461 7.44 12.54 8.44
CA ALA A 461 6.66 11.64 7.60
C ALA A 461 6.63 12.09 6.14
N GLN A 462 6.33 13.37 5.94
CA GLN A 462 6.31 13.95 4.59
C GLN A 462 7.65 13.75 3.90
N GLU A 463 8.72 13.98 4.65
CA GLU A 463 10.07 13.90 4.10
C GLU A 463 10.42 12.49 3.68
N VAL A 464 10.17 11.54 4.57
CA VAL A 464 10.56 10.16 4.31
C VAL A 464 9.63 9.45 3.33
N TYR A 465 8.35 9.82 3.32
CA TYR A 465 7.40 9.21 2.41
C TYR A 465 7.55 9.67 0.98
N TYR A 466 7.90 10.94 0.78
CA TYR A 466 7.90 11.57 -0.54
C TYR A 466 9.24 12.12 -1.02
N ARG A 467 10.21 12.25 -0.10
CA ARG A 467 11.59 12.62 -0.41
C ARG A 467 11.67 13.75 -1.44
N GLN A 468 12.26 13.49 -2.60
CA GLN A 468 12.57 14.55 -3.55
C GLN A 468 11.31 15.16 -4.19
N ASN A 469 10.17 14.49 -4.04
CA ASN A 469 8.92 15.00 -4.60
C ASN A 469 8.07 15.82 -3.63
N LEU A 470 8.55 15.95 -2.40
CA LEU A 470 7.79 16.68 -1.39
C LEU A 470 7.53 18.12 -1.81
N ASP A 471 8.54 18.82 -2.31
CA ASP A 471 8.39 20.26 -2.53
C ASP A 471 7.28 20.54 -3.56
N ARG A 472 7.27 19.80 -4.66
CA ARG A 472 6.23 19.97 -5.66
C ARG A 472 4.87 19.55 -5.11
N LEU A 473 4.83 18.45 -4.36
CA LEU A 473 3.60 18.04 -3.68
C LEU A 473 3.03 19.14 -2.79
N ARG A 474 3.89 19.85 -2.06
CA ARG A 474 3.43 20.94 -1.19
C ARG A 474 2.87 22.10 -2.01
N ARG A 475 3.46 22.35 -3.17
CA ARG A 475 2.97 23.40 -4.04
C ARG A 475 1.59 23.06 -4.59
N ILE A 476 1.41 21.83 -5.05
CA ILE A 476 0.11 21.39 -5.56
C ILE A 476 -0.92 21.38 -4.43
N LYS A 477 -0.48 21.03 -3.23
CA LYS A 477 -1.39 21.02 -2.09
C LYS A 477 -1.97 22.40 -1.80
N GLN A 478 -1.13 23.42 -1.82
CA GLN A 478 -1.62 24.79 -1.61
C GLN A 478 -2.61 25.16 -2.71
N GLN A 479 -2.38 24.66 -3.93
CA GLN A 479 -3.26 25.00 -5.05
C GLN A 479 -4.60 24.32 -4.98
N LEU A 480 -4.63 23.06 -4.53
CA LEU A 480 -5.85 22.26 -4.57
C LEU A 480 -6.56 22.14 -3.24
N ASP A 481 -5.84 22.20 -2.13
CA ASP A 481 -6.48 22.09 -0.82
C ASP A 481 -5.82 23.01 0.21
N PRO A 482 -5.83 24.32 -0.07
CA PRO A 482 -5.15 25.27 0.82
C PRO A 482 -5.66 25.29 2.26
N THR A 483 -6.94 24.97 2.48
CA THR A 483 -7.47 24.94 3.84
C THR A 483 -7.22 23.58 4.53
N GLU A 484 -6.63 22.63 3.81
CA GLU A 484 -6.36 21.31 4.37
C GLU A 484 -7.62 20.64 4.87
N LEU A 485 -8.65 20.69 4.07
CA LEU A 485 -9.86 19.97 4.37
C LEU A 485 -9.59 18.48 4.58
N PHE A 486 -8.69 17.93 3.78
CA PHE A 486 -8.38 16.50 3.84
C PHE A 486 -7.25 16.15 4.79
N TYR A 487 -7.10 16.96 5.83
CA TYR A 487 -6.04 16.83 6.80
C TYR A 487 -6.06 15.49 7.47
N TYR A 488 -4.87 14.93 7.67
CA TYR A 488 -4.64 13.88 8.64
C TYR A 488 -3.23 14.12 9.15
N PRO A 489 -2.85 13.47 10.26
CA PRO A 489 -1.61 13.89 10.94
C PRO A 489 -0.30 13.72 10.17
N GLN A 490 -0.32 12.94 9.09
CA GLN A 490 0.83 12.89 8.18
C GLN A 490 0.53 13.38 6.78
N ALA A 491 -0.46 14.27 6.66
CA ALA A 491 -0.77 14.90 5.38
C ALA A 491 0.34 15.86 4.97
N VAL A 492 0.49 15.96 3.65
CA VAL A 492 1.34 16.97 3.05
C VAL A 492 0.87 18.35 3.49
N GLU A 493 1.79 19.19 3.90
CA GLU A 493 1.50 20.58 4.25
C GLU A 493 1.47 21.48 3.02
N PRO A 494 0.48 22.38 2.92
CA PRO A 494 0.53 23.30 1.79
C PRO A 494 1.84 24.09 1.84
N ALA A 495 2.39 24.39 0.66
CA ALA A 495 3.51 25.29 0.57
C ALA A 495 3.04 26.65 1.07
N GLU A 496 3.94 27.37 1.72
CA GLU A 496 3.66 28.74 2.14
C GLU A 496 3.78 29.64 0.93
N VAL A 497 2.87 30.60 0.80
CA VAL A 497 2.97 31.62 -0.24
C VAL A 497 2.76 33.00 0.38
#